data_8PON
#
_entry.id   8PON
#
_cell.length_a   80.117
_cell.length_b   61.591
_cell.length_c   111.292
_cell.angle_alpha   90.00
_cell.angle_beta   102.57
_cell.angle_gamma   90.00
#
_symmetry.space_group_name_H-M   'I 1 2 1'
#
loop_
_entity.id
_entity.type
_entity.pdbx_description
1 polymer 'Transcriptional enhancer factor TEF-4'
2 non-polymer 'MYRISTIC ACID'
3 non-polymer '4-fluoranyl-2-[(3-phenylmethoxyphenyl)amino]benzoic acid'
4 water water
#
_entity_poly.entity_id   1
_entity_poly.type   'polypeptide(L)'
_entity_poly.pdbx_seq_one_letter_code
;MAWQARGLGTARLQLVEFSAFVEPPDAVDSYQRHLFVHISQHCPSPGAPPLESVDVRQIYDKFPEKKGGLRELYDRGPPH
AFFLVKFWADLNWGPSGEEAGAGGSISSGGFYGVSSQYESLEHMTLTCSSKVCSFGKQVVEKVETERAQLEDGRFVYRLL
RSPMCEYLVNFLHKLRQLPERYMMNSVLENFTILQVVTNRDTQELLLCTAYVFEVSTSERGAQHHIYRLVRDVEHHHHHH
;
_entity_poly.pdbx_strand_id   B,A
#
loop_
_chem_comp.id
_chem_comp.type
_chem_comp.name
_chem_comp.formula
MYR non-polymer 'MYRISTIC ACID' 'C14 H28 O2'
ZUT non-polymer '4-fluoranyl-2-[(3-phenylmethoxyphenyl)amino]benzoic acid' 'C20 H16 F N O3'
#
# COMPACT_ATOMS: atom_id res chain seq x y z
N GLN A 4 -4.44 25.61 17.70
CA GLN A 4 -4.37 24.65 18.81
C GLN A 4 -3.05 23.86 18.77
N ALA A 5 -2.78 23.19 17.65
CA ALA A 5 -1.67 22.23 17.59
C ALA A 5 -0.31 22.93 17.61
N ARG A 6 0.61 22.39 18.41
CA ARG A 6 1.98 22.89 18.48
C ARG A 6 2.99 22.00 17.77
N GLY A 7 2.63 20.76 17.41
CA GLY A 7 3.50 19.87 16.68
C GLY A 7 2.64 18.96 15.83
N LEU A 8 3.29 18.02 15.17
CA LEU A 8 2.58 17.14 14.24
C LEU A 8 1.93 16.00 15.01
N GLY A 9 0.64 16.12 15.25
CA GLY A 9 -0.07 15.13 16.02
C GLY A 9 -1.35 15.71 16.56
N THR A 10 -2.19 14.83 17.07
CA THR A 10 -3.37 15.24 17.79
C THR A 10 -3.32 14.63 19.18
N ALA A 11 -4.38 14.87 19.94
CA ALA A 11 -4.48 14.21 21.23
C ALA A 11 -4.66 12.71 21.12
N ARG A 12 -4.99 12.20 19.92
CA ARG A 12 -5.21 10.76 19.72
C ARG A 12 -3.99 10.05 19.19
N LEU A 13 -3.11 10.75 18.50
CA LEU A 13 -1.99 10.10 17.81
C LEU A 13 -0.93 11.16 17.52
N GLN A 14 0.25 10.97 18.07
CA GLN A 14 1.35 11.92 17.95
C GLN A 14 2.46 11.25 17.16
N LEU A 15 3.02 11.97 16.20
CA LEU A 15 4.22 11.49 15.54
C LEU A 15 5.40 11.67 16.48
N VAL A 16 6.14 10.60 16.70
CA VAL A 16 7.33 10.67 17.53
C VAL A 16 8.56 10.94 16.70
N GLU A 17 8.68 10.22 15.60
CA GLU A 17 9.88 10.30 14.80
C GLU A 17 9.56 9.81 13.40
N PHE A 18 10.16 10.44 12.41
CA PHE A 18 10.02 9.99 11.04
C PHE A 18 11.32 10.30 10.32
N SER A 19 11.76 9.37 9.48
CA SER A 19 12.99 9.63 8.76
C SER A 19 13.07 8.70 7.56
N ALA A 20 13.72 9.19 6.51
CA ALA A 20 14.07 8.39 5.36
C ALA A 20 15.56 8.48 5.19
N PHE A 21 16.22 7.38 4.88
CA PHE A 21 17.67 7.35 4.99
C PHE A 21 18.24 6.32 4.07
N VAL A 22 19.56 6.31 3.98
CA VAL A 22 20.30 5.27 3.29
C VAL A 22 21.50 4.90 4.17
N GLU A 23 21.78 3.61 4.27
CA GLU A 23 23.01 3.21 4.93
C GLU A 23 23.91 2.62 3.85
N PRO A 24 25.17 3.03 3.73
CA PRO A 24 26.02 2.54 2.64
C PRO A 24 26.30 1.06 2.82
N PRO A 25 26.80 0.38 1.78
CA PRO A 25 27.11 -1.05 1.95
C PRO A 25 28.13 -1.30 3.05
N ASP A 26 29.09 -0.40 3.19
CA ASP A 26 30.11 -0.45 4.23
C ASP A 26 29.55 -0.20 5.63
N ALA A 27 28.23 -0.01 5.80
CA ALA A 27 27.71 0.25 7.13
C ALA A 27 27.89 -0.95 8.06
N VAL A 28 28.10 -2.14 7.50
CA VAL A 28 28.33 -3.33 8.31
C VAL A 28 29.64 -3.23 9.08
N ASP A 29 30.66 -2.58 8.48
CA ASP A 29 31.96 -2.43 9.11
C ASP A 29 31.96 -1.29 10.13
N SER A 30 31.89 -0.06 9.66
CA SER A 30 31.65 1.11 10.50
C SER A 30 30.29 1.69 10.15
N TYR A 31 29.44 1.88 11.16
CA TYR A 31 28.06 2.21 10.88
C TYR A 31 27.89 3.69 10.58
N GLN A 32 27.05 3.98 9.60
CA GLN A 32 26.62 5.34 9.33
C GLN A 32 25.34 5.28 8.52
N ARG A 33 24.50 6.28 8.72
CA ARG A 33 23.31 6.48 7.91
C ARG A 33 23.25 7.93 7.49
N HIS A 34 22.83 8.14 6.23
CA HIS A 34 22.55 9.46 5.68
C HIS A 34 21.05 9.68 5.77
N LEU A 35 20.65 10.81 6.31
CA LEU A 35 19.23 11.12 6.43
C LEU A 35 18.84 12.06 5.29
N PHE A 36 17.88 11.63 4.47
CA PHE A 36 17.34 12.54 3.47
C PHE A 36 16.43 13.56 4.13
N VAL A 37 15.52 13.10 4.98
CA VAL A 37 14.60 13.95 5.72
C VAL A 37 14.40 13.30 7.08
N HIS A 38 14.05 14.11 8.08
CA HIS A 38 14.04 13.58 9.44
C HIS A 38 13.25 14.53 10.32
N ILE A 39 12.24 13.99 11.02
CA ILE A 39 11.50 14.71 12.04
C ILE A 39 11.67 13.97 13.35
N SER A 40 11.94 14.73 14.41
CA SER A 40 12.08 14.18 15.76
C SER A 40 11.21 15.02 16.67
N GLN A 41 10.26 14.38 17.35
CA GLN A 41 9.45 15.15 18.28
C GLN A 41 9.61 14.62 19.70
N HIS A 42 10.84 14.69 20.22
CA HIS A 42 11.13 14.27 21.60
C HIS A 42 11.17 15.46 22.56
N PRO A 49 4.46 27.38 21.32
CA PRO A 49 3.72 28.26 20.41
C PRO A 49 2.85 27.46 19.43
N PRO A 50 1.89 28.12 18.78
CA PRO A 50 1.09 27.44 17.76
C PRO A 50 1.84 27.34 16.43
N LEU A 51 1.61 26.24 15.72
CA LEU A 51 2.20 26.08 14.41
C LEU A 51 1.59 27.07 13.42
N GLU A 52 2.29 27.26 12.30
CA GLU A 52 1.75 28.14 11.28
C GLU A 52 0.64 27.43 10.52
N SER A 53 -0.11 28.22 9.74
CA SER A 53 -1.31 27.75 9.08
C SER A 53 -1.18 27.91 7.58
N VAL A 54 -1.75 26.97 6.82
CA VAL A 54 -1.77 27.04 5.36
C VAL A 54 -3.10 26.51 4.88
N ASP A 55 -3.79 27.26 4.03
CA ASP A 55 -5.12 26.86 3.61
C ASP A 55 -5.03 25.72 2.60
N VAL A 56 -5.81 24.66 2.86
CA VAL A 56 -5.67 23.40 2.14
C VAL A 56 -6.15 23.52 0.70
N ARG A 57 -7.01 24.49 0.38
CA ARG A 57 -7.50 24.63 -0.99
C ARG A 57 -6.35 24.90 -1.96
N GLN A 58 -5.31 25.61 -1.53
CA GLN A 58 -4.22 25.97 -2.42
C GLN A 58 -3.44 24.76 -2.93
N ILE A 59 -3.39 23.67 -2.16
CA ILE A 59 -2.58 22.50 -2.52
C ILE A 59 -3.43 21.33 -2.99
N TYR A 60 -4.74 21.54 -3.20
CA TYR A 60 -5.61 20.48 -3.71
C TYR A 60 -5.03 19.83 -4.97
N ASP A 61 -4.67 20.64 -5.96
CA ASP A 61 -4.26 20.09 -7.26
C ASP A 61 -2.92 19.39 -7.19
N LYS A 62 -2.21 19.50 -6.08
CA LYS A 62 -0.91 18.87 -5.96
C LYS A 62 -1.03 17.43 -5.44
N PHE A 63 -2.24 16.95 -5.19
CA PHE A 63 -2.54 15.63 -4.66
C PHE A 63 -3.70 15.03 -5.46
N PRO A 64 -3.88 13.71 -5.41
CA PRO A 64 -4.82 13.08 -6.35
C PRO A 64 -6.25 13.54 -6.13
N GLU A 65 -7.09 13.28 -7.13
CA GLU A 65 -8.49 13.66 -7.10
C GLU A 65 -9.39 12.45 -6.84
N LYS A 66 -10.66 12.74 -6.57
CA LYS A 66 -11.67 11.73 -6.21
C LYS A 66 -11.22 11.04 -4.91
N LYS A 67 -11.56 9.75 -4.75
CA LYS A 67 -11.37 9.05 -3.48
C LYS A 67 -9.91 9.08 -3.01
N GLY A 68 -9.73 9.35 -1.72
CA GLY A 68 -8.38 9.43 -1.18
C GLY A 68 -7.64 10.69 -1.55
N GLY A 69 -8.31 11.63 -2.23
CA GLY A 69 -7.73 12.94 -2.47
C GLY A 69 -7.96 13.88 -1.31
N LEU A 70 -7.28 15.02 -1.37
CA LEU A 70 -7.21 15.89 -0.20
C LEU A 70 -8.58 16.49 0.14
N ARG A 71 -9.32 16.94 -0.87
CA ARG A 71 -10.59 17.62 -0.62
C ARG A 71 -11.60 16.68 0.02
N GLU A 72 -11.68 15.44 -0.45
CA GLU A 72 -12.60 14.48 0.14
C GLU A 72 -12.12 14.05 1.52
N LEU A 73 -10.81 13.93 1.71
CA LEU A 73 -10.28 13.62 3.03
C LEU A 73 -10.60 14.74 4.01
N TYR A 74 -10.31 15.98 3.63
CA TYR A 74 -10.66 17.11 4.49
C TYR A 74 -12.15 17.16 4.75
N ASP A 75 -12.95 16.94 3.70
CA ASP A 75 -14.41 16.85 3.83
C ASP A 75 -14.80 15.88 4.94
N ARG A 76 -14.11 14.74 5.01
CA ARG A 76 -14.42 13.72 6.02
C ARG A 76 -14.07 14.22 7.42
N GLY A 77 -12.95 14.93 7.57
CA GLY A 77 -12.54 15.38 8.88
C GLY A 77 -11.82 14.29 9.63
N PRO A 78 -11.37 14.59 10.86
CA PRO A 78 -11.51 15.88 11.57
C PRO A 78 -10.52 16.90 11.05
N PRO A 79 -10.89 18.17 10.96
CA PRO A 79 -10.00 19.17 10.34
C PRO A 79 -8.68 19.36 11.07
N HIS A 80 -8.64 19.13 12.38
CA HIS A 80 -7.42 19.35 13.17
C HIS A 80 -6.37 18.28 12.94
N ALA A 81 -6.69 17.23 12.19
CA ALA A 81 -5.76 16.14 11.95
C ALA A 81 -4.87 16.35 10.72
N PHE A 82 -4.96 17.52 10.07
CA PHE A 82 -4.33 17.76 8.79
C PHE A 82 -3.11 18.66 8.93
N PHE A 83 -1.99 18.20 8.36
CA PHE A 83 -0.72 18.90 8.46
C PHE A 83 -0.05 18.94 7.10
N LEU A 84 0.74 19.99 6.87
CA LEU A 84 1.63 20.09 5.72
C LEU A 84 3.06 20.23 6.23
N VAL A 85 3.96 19.39 5.71
CA VAL A 85 5.37 19.44 6.07
C VAL A 85 6.15 19.82 4.82
N LYS A 86 6.87 20.93 4.87
CA LYS A 86 7.84 21.25 3.83
C LYS A 86 9.17 20.65 4.23
N PHE A 87 9.78 19.92 3.31
CA PHE A 87 11.07 19.27 3.53
C PHE A 87 12.12 19.94 2.65
N TRP A 88 13.28 20.22 3.24
CA TRP A 88 14.48 20.46 2.47
C TRP A 88 15.31 19.18 2.54
N ALA A 89 15.30 18.41 1.47
CA ALA A 89 15.95 17.12 1.48
C ALA A 89 17.45 17.28 1.30
N ASP A 90 18.21 16.40 1.94
CA ASP A 90 19.66 16.36 1.79
C ASP A 90 20.00 15.22 0.85
N LEU A 91 20.32 15.56 -0.40
CA LEU A 91 20.67 14.60 -1.44
C LEU A 91 22.17 14.54 -1.66
N ASN A 92 22.96 14.64 -0.58
CA ASN A 92 24.41 14.71 -0.67
C ASN A 92 25.00 13.58 0.18
N TRP A 93 25.01 12.37 -0.37
CA TRP A 93 25.40 11.21 0.42
C TRP A 93 26.49 10.33 -0.20
N SER A 108 24.96 3.12 -5.95
CA SER A 108 25.98 2.68 -5.01
C SER A 108 25.47 1.48 -4.21
N GLY A 109 24.16 1.23 -4.26
CA GLY A 109 23.61 -0.06 -3.86
C GLY A 109 23.53 -0.35 -2.38
N GLY A 110 23.18 0.65 -1.58
CA GLY A 110 23.04 0.48 -0.14
C GLY A 110 21.61 0.18 0.24
N PHE A 111 21.30 0.34 1.53
CA PHE A 111 19.95 0.08 2.01
C PHE A 111 19.21 1.39 2.17
N TYR A 112 18.05 1.49 1.51
CA TYR A 112 17.20 2.66 1.56
C TYR A 112 15.96 2.33 2.39
N GLY A 113 15.69 3.13 3.41
CA GLY A 113 14.62 2.78 4.34
C GLY A 113 13.87 3.98 4.87
N VAL A 114 12.68 3.69 5.37
CA VAL A 114 11.81 4.67 6.02
C VAL A 114 11.44 4.11 7.39
N SER A 115 11.40 4.98 8.40
CA SER A 115 11.05 4.59 9.76
C SER A 115 10.09 5.62 10.34
N SER A 116 9.06 5.14 11.01
CA SER A 116 8.02 5.98 11.57
C SER A 116 7.63 5.45 12.93
N GLN A 117 7.43 6.36 13.87
CA GLN A 117 6.99 5.95 15.19
C GLN A 117 5.92 6.92 15.62
N TYR A 118 4.82 6.38 16.15
CA TYR A 118 3.69 7.13 16.64
C TYR A 118 3.37 6.71 18.06
N GLU A 119 2.56 7.52 18.72
CA GLU A 119 2.28 7.35 20.13
C GLU A 119 0.83 7.75 20.36
N SER A 120 0.11 6.96 21.14
CA SER A 120 -1.26 7.25 21.52
C SER A 120 -1.47 6.95 22.99
N LEU A 121 -2.59 7.46 23.50
CA LEU A 121 -3.03 7.05 24.83
C LEU A 121 -3.87 5.79 24.77
N GLU A 122 -4.54 5.53 23.67
CA GLU A 122 -5.37 4.34 23.60
C GLU A 122 -4.76 3.30 22.68
N HIS A 123 -5.30 2.08 22.79
CA HIS A 123 -4.83 0.92 22.05
C HIS A 123 -5.63 0.84 20.76
N MET A 124 -4.92 0.77 19.63
CA MET A 124 -5.58 0.79 18.32
C MET A 124 -4.77 -0.09 17.38
N THR A 125 -5.38 -0.42 16.25
CA THR A 125 -4.63 -0.93 15.11
C THR A 125 -4.66 0.15 14.05
N LEU A 126 -3.49 0.67 13.70
CA LEU A 126 -3.35 1.73 12.72
C LEU A 126 -3.18 1.14 11.32
N THR A 127 -3.81 1.77 10.34
CA THR A 127 -3.48 1.57 8.93
C THR A 127 -2.79 2.83 8.45
N CYS A 128 -1.56 2.69 7.94
CA CYS A 128 -0.81 3.80 7.38
C CYS A 128 -0.70 3.62 5.87
N SER A 129 -1.25 4.58 5.14
CA SER A 129 -1.18 4.63 3.68
C SER A 129 -0.31 5.81 3.28
N SER A 130 0.68 5.54 2.44
CA SER A 130 1.55 6.58 1.89
C SER A 130 1.41 6.59 0.37
N LYS A 131 1.14 7.77 -0.19
CA LYS A 131 0.91 7.96 -1.62
C LYS A 131 1.97 8.88 -2.20
N VAL A 132 2.68 8.41 -3.21
CA VAL A 132 3.53 9.28 -4.02
C VAL A 132 2.70 9.80 -5.18
N CYS A 133 2.70 11.10 -5.38
CA CYS A 133 1.97 11.72 -6.47
C CYS A 133 2.92 12.54 -7.32
N SER A 134 2.69 12.52 -8.62
CA SER A 134 3.54 13.22 -9.55
C SER A 134 2.63 14.01 -10.48
N PHE A 135 2.76 15.34 -10.46
CA PHE A 135 1.83 16.25 -11.13
C PHE A 135 0.39 15.99 -10.66
N GLY A 136 0.24 15.70 -9.37
CA GLY A 136 -1.06 15.54 -8.76
C GLY A 136 -1.72 14.19 -8.97
N LYS A 137 -1.06 13.24 -9.65
CA LYS A 137 -1.64 11.93 -9.87
C LYS A 137 -0.89 10.89 -9.06
N GLN A 138 -1.63 9.95 -8.48
CA GLN A 138 -1.00 8.91 -7.69
C GLN A 138 -0.12 8.04 -8.57
N VAL A 139 1.11 7.79 -8.12
CA VAL A 139 2.07 6.98 -8.86
C VAL A 139 2.35 5.66 -8.13
N VAL A 140 2.57 5.73 -6.83
CA VAL A 140 2.82 4.58 -5.99
C VAL A 140 2.02 4.76 -4.72
N GLU A 141 1.63 3.63 -4.12
CA GLU A 141 1.03 3.64 -2.79
C GLU A 141 1.51 2.45 -2.00
N LYS A 142 1.81 2.67 -0.72
CA LYS A 142 2.14 1.60 0.21
C LYS A 142 1.19 1.68 1.40
N VAL A 143 0.59 0.54 1.76
CA VAL A 143 -0.36 0.44 2.87
C VAL A 143 0.14 -0.61 3.85
N GLU A 144 0.30 -0.23 5.11
CA GLU A 144 0.79 -1.12 6.16
C GLU A 144 -0.11 -0.98 7.38
N THR A 145 -0.29 -2.07 8.12
CA THR A 145 -0.97 -1.97 9.41
C THR A 145 0.04 -2.16 10.53
N GLU A 146 -0.25 -1.55 11.68
CA GLU A 146 0.58 -1.73 12.88
C GLU A 146 -0.30 -1.76 14.11
N ARG A 147 -0.23 -2.85 14.86
CA ARG A 147 -0.95 -3.01 16.12
C ARG A 147 -0.19 -2.32 17.25
N ALA A 148 -0.94 -1.75 18.19
CA ALA A 148 -0.33 -1.04 19.31
C ALA A 148 0.53 -1.95 20.18
N GLN A 149 1.58 -1.37 20.77
CA GLN A 149 2.41 -2.07 21.74
C GLN A 149 2.47 -1.23 23.02
N LEU A 150 2.03 -1.83 24.14
CA LEU A 150 1.89 -1.13 25.42
C LEU A 150 3.25 -0.92 26.07
N GLU A 151 3.64 0.34 26.24
CA GLU A 151 4.88 0.69 26.92
C GLU A 151 4.60 1.69 28.04
N ASP A 152 5.56 2.57 28.31
CA ASP A 152 5.55 3.39 29.52
C ASP A 152 4.33 4.31 29.61
N GLY A 153 3.24 3.82 30.20
CA GLY A 153 2.03 4.61 30.37
C GLY A 153 1.26 4.92 29.10
N ARG A 154 1.72 4.46 27.94
CA ARG A 154 1.12 4.86 26.68
C ARG A 154 1.52 3.85 25.62
N PHE A 155 0.76 3.85 24.52
CA PHE A 155 0.95 2.86 23.46
C PHE A 155 1.87 3.42 22.39
N VAL A 156 2.65 2.53 21.77
CA VAL A 156 3.61 2.96 20.76
C VAL A 156 3.40 2.11 19.52
N TYR A 157 3.56 2.72 18.36
CA TYR A 157 3.38 2.09 17.06
C TYR A 157 4.67 2.29 16.28
N ARG A 158 5.29 1.19 15.87
CA ARG A 158 6.64 1.20 15.36
C ARG A 158 6.62 0.62 13.97
N LEU A 159 6.82 1.47 12.97
CA LEU A 159 6.97 1.03 11.59
C LEU A 159 8.42 1.28 11.17
N LEU A 160 9.34 0.48 11.71
CA LEU A 160 10.76 0.75 11.56
C LEU A 160 11.36 0.05 10.34
N ARG A 161 12.17 0.80 9.59
CA ARG A 161 13.07 0.25 8.57
C ARG A 161 12.31 -0.41 7.42
N SER A 162 11.22 0.21 6.98
CA SER A 162 10.55 -0.23 5.76
C SER A 162 11.48 0.00 4.58
N PRO A 163 11.78 -1.02 3.79
CA PRO A 163 12.50 -0.79 2.53
C PRO A 163 11.78 0.25 1.66
N MET A 164 12.52 1.29 1.26
CA MET A 164 12.00 2.26 0.32
C MET A 164 11.64 1.54 -0.98
N CYS A 165 10.54 1.96 -1.60
CA CYS A 165 10.17 1.26 -2.83
C CYS A 165 11.13 1.65 -3.97
N GLU A 166 11.29 0.72 -4.91
CA GLU A 166 12.26 0.89 -5.99
C GLU A 166 12.01 2.16 -6.80
N TYR A 167 10.75 2.60 -6.88
CA TYR A 167 10.48 3.84 -7.60
C TYR A 167 11.19 5.01 -6.94
N LEU A 168 11.07 5.12 -5.62
CA LEU A 168 11.68 6.25 -4.92
C LEU A 168 13.21 6.17 -4.98
N VAL A 169 13.77 4.97 -4.87
CA VAL A 169 15.22 4.87 -4.91
C VAL A 169 15.73 5.31 -6.28
N ASN A 170 15.10 4.85 -7.36
CA ASN A 170 15.55 5.27 -8.67
C ASN A 170 15.35 6.77 -8.85
N PHE A 171 14.21 7.28 -8.39
CA PHE A 171 14.00 8.72 -8.42
C PHE A 171 15.15 9.46 -7.76
N LEU A 172 15.49 9.07 -6.52
CA LEU A 172 16.58 9.75 -5.82
C LEU A 172 17.89 9.65 -6.60
N HIS A 173 18.17 8.49 -7.20
CA HIS A 173 19.43 8.34 -7.91
C HIS A 173 19.51 9.31 -9.09
N LYS A 174 18.42 9.45 -9.86
CA LYS A 174 18.42 10.41 -10.95
C LYS A 174 18.47 11.84 -10.43
N LEU A 175 17.59 12.18 -9.47
CA LEU A 175 17.54 13.51 -8.91
C LEU A 175 18.91 13.94 -8.40
N ARG A 176 19.65 13.01 -7.87
CA ARG A 176 20.98 13.27 -7.39
C ARG A 176 21.91 13.74 -8.47
N GLN A 177 21.58 13.37 -9.68
CA GLN A 177 22.51 13.54 -10.79
C GLN A 177 22.28 14.80 -11.61
N LEU A 178 21.24 15.57 -11.28
CA LEU A 178 20.96 16.79 -12.04
C LEU A 178 22.03 17.84 -11.79
N PRO A 179 22.43 18.59 -12.82
CA PRO A 179 23.61 19.46 -12.69
C PRO A 179 23.40 20.76 -11.93
N GLU A 180 22.16 21.08 -11.56
CA GLU A 180 21.89 22.36 -10.89
C GLU A 180 20.82 22.13 -9.85
N ARG A 181 20.93 22.85 -8.73
CA ARG A 181 19.94 22.75 -7.67
C ARG A 181 18.56 23.22 -8.12
N TYR A 182 18.50 24.32 -8.88
CA TYR A 182 17.19 24.85 -9.29
C TYR A 182 16.47 23.87 -10.20
N MET A 183 17.23 23.08 -10.96
CA MET A 183 16.65 21.98 -11.72
C MET A 183 16.05 20.92 -10.78
N MET A 184 16.82 20.45 -9.80
CA MET A 184 16.25 19.56 -8.79
C MET A 184 14.99 20.17 -8.18
N ASN A 185 15.04 21.46 -7.85
CA ASN A 185 13.88 22.11 -7.28
C ASN A 185 12.70 22.16 -8.27
N SER A 186 12.96 22.43 -9.57
CA SER A 186 11.85 22.41 -10.53
C SER A 186 11.24 21.02 -10.63
N VAL A 187 12.07 19.97 -10.64
CA VAL A 187 11.55 18.61 -10.68
C VAL A 187 10.74 18.34 -9.42
N LEU A 188 11.32 18.65 -8.26
CA LEU A 188 10.60 18.45 -6.99
C LEU A 188 9.32 19.27 -6.89
N GLU A 189 9.17 20.38 -7.62
CA GLU A 189 7.91 21.13 -7.52
C GLU A 189 6.70 20.24 -7.84
N ASN A 190 6.88 19.16 -8.58
CA ASN A 190 5.76 18.35 -9.02
C ASN A 190 5.68 17.00 -8.32
N PHE A 191 6.40 16.83 -7.20
CA PHE A 191 6.51 15.52 -6.54
C PHE A 191 6.09 15.71 -5.09
N THR A 192 5.04 15.00 -4.68
CA THR A 192 4.52 15.13 -3.33
C THR A 192 4.22 13.76 -2.73
N ILE A 193 4.04 13.76 -1.41
CA ILE A 193 3.69 12.53 -0.68
C ILE A 193 2.56 12.86 0.28
N LEU A 194 1.55 11.99 0.31
CA LEU A 194 0.40 12.11 1.19
C LEU A 194 0.37 10.89 2.10
N GLN A 195 0.36 11.13 3.41
CA GLN A 195 0.37 10.06 4.40
C GLN A 195 -0.92 10.14 5.21
N VAL A 196 -1.73 9.10 5.13
CA VAL A 196 -3.00 9.03 5.86
C VAL A 196 -2.92 7.90 6.89
N VAL A 197 -3.11 8.23 8.16
CA VAL A 197 -3.16 7.22 9.24
C VAL A 197 -4.57 7.14 9.78
N THR A 198 -5.17 5.95 9.71
CA THR A 198 -6.52 5.75 10.24
C THR A 198 -6.57 4.57 11.21
N ASN A 199 -7.60 4.60 12.06
CA ASN A 199 -7.95 3.47 12.91
C ASN A 199 -8.46 2.35 12.01
N ARG A 200 -7.73 1.24 11.94
CA ARG A 200 -8.08 0.18 11.00
C ARG A 200 -9.45 -0.41 11.32
N ASP A 201 -9.87 -0.34 12.58
CA ASP A 201 -11.11 -1.00 12.98
C ASP A 201 -12.33 -0.10 12.75
N THR A 202 -12.21 1.18 13.07
CA THR A 202 -13.32 2.11 13.02
C THR A 202 -13.30 3.01 11.80
N GLN A 203 -12.20 3.04 11.06
CA GLN A 203 -12.00 3.80 9.85
C GLN A 203 -11.92 5.30 10.07
N GLU A 204 -12.01 5.78 11.31
CA GLU A 204 -11.86 7.21 11.52
C GLU A 204 -10.42 7.62 11.25
N LEU A 205 -10.28 8.78 10.63
CA LEU A 205 -8.96 9.30 10.32
C LEU A 205 -8.30 9.83 11.57
N LEU A 206 -7.02 9.52 11.73
CA LEU A 206 -6.25 9.98 12.87
C LEU A 206 -5.24 11.07 12.52
N LEU A 207 -4.55 10.95 11.40
CA LEU A 207 -3.55 11.92 10.98
C LEU A 207 -3.43 11.89 9.47
N CYS A 208 -3.38 13.06 8.85
CA CYS A 208 -3.13 13.17 7.41
C CYS A 208 -2.04 14.21 7.22
N THR A 209 -0.96 13.81 6.56
CA THR A 209 0.19 14.69 6.37
C THR A 209 0.50 14.80 4.89
N ALA A 210 0.51 16.03 4.37
CA ALA A 210 0.97 16.32 3.02
C ALA A 210 2.42 16.77 3.10
N TYR A 211 3.27 16.17 2.29
CA TYR A 211 4.69 16.49 2.26
C TYR A 211 5.03 17.16 0.93
N VAL A 212 5.71 18.31 0.99
CA VAL A 212 6.24 18.93 -0.22
C VAL A 212 7.74 19.12 -0.04
N PHE A 213 8.45 19.16 -1.16
CA PHE A 213 9.89 18.97 -1.10
C PHE A 213 10.64 20.03 -1.88
N GLU A 214 11.78 20.41 -1.32
CA GLU A 214 12.82 21.18 -1.95
C GLU A 214 14.13 20.48 -1.63
N VAL A 215 15.18 20.83 -2.33
CA VAL A 215 16.50 20.29 -2.03
C VAL A 215 17.24 21.31 -1.18
N SER A 216 17.98 20.83 -0.19
CA SER A 216 18.83 21.65 0.66
C SER A 216 20.22 21.78 0.04
N THR A 217 21.05 22.62 0.64
CA THR A 217 22.35 22.99 0.06
C THR A 217 23.49 22.31 0.84
N SER A 218 23.91 21.14 0.39
CA SER A 218 25.19 20.53 0.76
C SER A 218 25.56 20.67 2.24
N GLU A 219 26.04 21.85 2.64
CA GLU A 219 26.48 22.05 4.03
C GLU A 219 25.32 22.04 5.01
N ARG A 220 24.14 22.51 4.59
CA ARG A 220 22.94 22.37 5.40
C ARG A 220 22.35 20.98 5.19
N GLY A 221 22.16 20.26 6.27
CA GLY A 221 21.51 18.97 6.19
C GLY A 221 20.02 19.13 5.99
N ALA A 222 19.29 18.08 6.31
CA ALA A 222 17.84 18.08 6.15
C ALA A 222 17.20 19.06 7.12
N GLN A 223 16.15 19.72 6.66
CA GLN A 223 15.38 20.63 7.48
C GLN A 223 13.93 20.46 7.09
N HIS A 224 13.02 20.91 7.95
CA HIS A 224 11.61 20.76 7.69
C HIS A 224 10.86 21.90 8.36
N HIS A 225 9.65 22.17 7.86
CA HIS A 225 8.78 23.16 8.47
C HIS A 225 7.39 22.54 8.44
N ILE A 226 6.70 22.57 9.59
CA ILE A 226 5.41 21.94 9.78
C ILE A 226 4.34 23.03 9.86
N TYR A 227 3.25 22.85 9.11
CA TYR A 227 2.11 23.75 9.15
C TYR A 227 0.83 22.96 9.44
N ARG A 228 -0.09 23.60 10.14
CA ARG A 228 -1.48 23.14 10.16
C ARG A 228 -2.15 23.45 8.82
N LEU A 229 -3.05 22.57 8.40
CA LEU A 229 -3.86 22.78 7.20
C LEU A 229 -5.27 23.17 7.62
N VAL A 230 -5.69 24.38 7.22
CA VAL A 230 -7.00 24.90 7.63
C VAL A 230 -7.87 25.18 6.41
N ARG A 231 -9.11 25.63 6.66
CA ARG A 231 -10.07 25.93 5.60
C ARG A 231 -11.20 26.79 6.14
N GLY B 7 -8.96 -26.90 -3.89
CA GLY B 7 -8.31 -26.40 -5.08
C GLY B 7 -7.16 -25.44 -4.78
N LEU B 8 -7.49 -24.16 -4.64
CA LEU B 8 -6.50 -23.12 -4.34
C LEU B 8 -5.95 -23.30 -2.93
N GLY B 9 -4.72 -23.76 -2.81
CA GLY B 9 -4.10 -23.88 -1.51
C GLY B 9 -3.23 -25.11 -1.36
N THR B 10 -2.67 -25.29 -0.17
CA THR B 10 -1.71 -26.35 0.09
C THR B 10 -2.14 -27.10 1.36
N ALA B 11 -1.40 -28.16 1.70
CA ALA B 11 -1.66 -28.83 2.97
C ALA B 11 -1.41 -27.95 4.18
N ARG B 12 -0.66 -26.84 4.04
CA ARG B 12 -0.45 -25.95 5.17
C ARG B 12 -1.47 -24.83 5.25
N LEU B 13 -2.01 -24.39 4.12
CA LEU B 13 -2.97 -23.29 4.11
C LEU B 13 -3.91 -23.43 2.91
N GLN B 14 -5.19 -23.34 3.17
CA GLN B 14 -6.19 -23.42 2.12
C GLN B 14 -7.03 -22.15 2.11
N LEU B 15 -7.25 -21.60 0.92
CA LEU B 15 -8.23 -20.54 0.78
C LEU B 15 -9.62 -21.14 0.81
N VAL B 16 -10.53 -20.50 1.55
CA VAL B 16 -11.90 -21.00 1.62
C VAL B 16 -12.93 -20.02 1.07
N GLU B 17 -12.65 -18.72 1.05
CA GLU B 17 -13.50 -17.72 0.44
C GLU B 17 -12.63 -16.55 0.04
N PHE B 18 -12.96 -15.92 -1.09
CA PHE B 18 -12.40 -14.62 -1.45
C PHE B 18 -13.44 -13.87 -2.26
N SER B 19 -13.61 -12.60 -1.93
CA SER B 19 -14.55 -11.78 -2.68
C SER B 19 -14.09 -10.33 -2.66
N ALA B 20 -14.40 -9.61 -3.73
CA ALA B 20 -14.23 -8.16 -3.77
C ALA B 20 -15.56 -7.59 -4.20
N PHE B 21 -16.06 -6.59 -3.49
CA PHE B 21 -17.46 -6.27 -3.60
C PHE B 21 -17.68 -4.78 -3.41
N VAL B 22 -18.88 -4.34 -3.76
CA VAL B 22 -19.34 -2.99 -3.46
C VAL B 22 -20.69 -3.10 -2.78
N GLU B 23 -20.93 -2.20 -1.83
CA GLU B 23 -22.15 -2.16 -1.07
C GLU B 23 -22.76 -0.77 -1.10
N PRO B 24 -24.08 -0.66 -1.19
CA PRO B 24 -24.72 0.63 -1.03
C PRO B 24 -25.24 0.79 0.39
N PRO B 25 -25.05 1.97 1.01
CA PRO B 25 -24.07 2.95 0.52
C PRO B 25 -22.95 3.20 1.53
N GLN B 32 -28.02 -5.70 0.39
CA GLN B 32 -27.52 -6.30 -0.84
C GLN B 32 -26.11 -5.80 -1.19
N ARG B 33 -25.24 -6.70 -1.65
CA ARG B 33 -23.91 -6.34 -2.12
C ARG B 33 -23.69 -6.89 -3.52
N HIS B 34 -22.77 -6.26 -4.25
CA HIS B 34 -22.41 -6.69 -5.60
C HIS B 34 -20.99 -7.23 -5.59
N LEU B 35 -20.82 -8.44 -6.13
CA LEU B 35 -19.51 -9.08 -6.19
C LEU B 35 -18.87 -8.88 -7.56
N PHE B 36 -17.72 -8.22 -7.59
CA PHE B 36 -16.95 -8.18 -8.83
C PHE B 36 -16.31 -9.53 -9.11
N VAL B 37 -15.77 -10.16 -8.07
CA VAL B 37 -15.13 -11.47 -8.15
C VAL B 37 -15.37 -12.20 -6.85
N HIS B 38 -15.49 -13.52 -6.93
CA HIS B 38 -15.88 -14.31 -5.76
C HIS B 38 -15.45 -15.77 -5.98
N ILE B 39 -14.53 -16.23 -5.14
CA ILE B 39 -14.11 -17.63 -5.09
C ILE B 39 -14.69 -18.22 -3.82
N SER B 40 -15.58 -19.20 -3.97
CA SER B 40 -16.09 -19.95 -2.84
C SER B 40 -15.51 -21.35 -2.88
N GLN B 41 -14.92 -21.78 -1.77
CA GLN B 41 -14.39 -23.14 -1.64
C GLN B 41 -14.94 -23.75 -0.36
N HIS B 42 -16.26 -23.81 -0.28
CA HIS B 42 -16.95 -24.33 0.90
C HIS B 42 -17.57 -25.69 0.62
N PRO B 49 -11.29 -33.45 -10.59
CA PRO B 49 -10.19 -33.43 -11.56
C PRO B 49 -9.09 -32.44 -11.16
N PRO B 50 -7.84 -32.72 -11.52
CA PRO B 50 -6.73 -31.86 -11.08
C PRO B 50 -6.82 -30.48 -11.71
N LEU B 51 -6.21 -29.51 -11.04
CA LEU B 51 -6.15 -28.16 -11.59
C LEU B 51 -5.26 -28.14 -12.83
N GLU B 52 -5.69 -27.40 -13.84
CA GLU B 52 -4.91 -27.19 -15.05
C GLU B 52 -3.57 -26.52 -14.71
N SER B 53 -2.66 -26.46 -15.68
CA SER B 53 -1.32 -25.97 -15.40
C SER B 53 -0.93 -24.84 -16.35
N VAL B 54 -0.12 -23.91 -15.84
CA VAL B 54 0.43 -22.80 -16.62
C VAL B 54 1.91 -22.63 -16.29
N ASP B 55 2.71 -22.33 -17.31
CA ASP B 55 4.15 -22.12 -17.10
C ASP B 55 4.40 -20.70 -16.64
N VAL B 56 5.13 -20.54 -15.54
CA VAL B 56 5.29 -19.23 -14.91
C VAL B 56 6.16 -18.31 -15.76
N ARG B 57 7.00 -18.86 -16.64
CA ARG B 57 7.75 -18.01 -17.57
C ARG B 57 6.81 -17.30 -18.53
N GLN B 58 5.59 -17.82 -18.73
CA GLN B 58 4.62 -17.13 -19.57
C GLN B 58 4.29 -15.75 -19.03
N ILE B 59 4.22 -15.63 -17.70
CA ILE B 59 3.61 -14.47 -17.06
C ILE B 59 4.63 -13.65 -16.26
N TYR B 60 5.93 -13.88 -16.50
CA TYR B 60 6.95 -13.05 -15.86
C TYR B 60 6.76 -11.58 -16.19
N ASP B 61 6.34 -11.29 -17.43
CA ASP B 61 6.27 -9.93 -17.94
C ASP B 61 5.20 -9.08 -17.26
N LYS B 62 4.20 -9.72 -16.65
CA LYS B 62 3.06 -9.00 -16.09
C LYS B 62 3.31 -8.54 -14.66
N PHE B 63 4.52 -8.74 -14.13
CA PHE B 63 4.81 -8.48 -12.73
C PHE B 63 6.21 -7.87 -12.64
N PRO B 64 6.47 -7.04 -11.62
CA PRO B 64 7.75 -6.32 -11.62
C PRO B 64 8.90 -7.32 -11.50
N GLU B 65 9.93 -7.11 -12.32
CA GLU B 65 11.08 -8.00 -12.30
C GLU B 65 11.91 -7.74 -11.04
N LYS B 66 13.23 -7.78 -11.15
CA LYS B 66 14.13 -7.48 -10.03
C LYS B 66 13.72 -8.25 -8.78
N LYS B 67 13.89 -7.65 -7.61
CA LYS B 67 13.53 -8.29 -6.35
C LYS B 67 12.03 -8.25 -6.14
N GLY B 68 11.51 -9.27 -5.44
CA GLY B 68 10.09 -9.33 -5.13
C GLY B 68 9.19 -9.63 -6.30
N GLY B 69 9.75 -10.00 -7.45
CA GLY B 69 8.96 -10.33 -8.63
C GLY B 69 8.82 -11.82 -8.82
N LEU B 70 7.72 -12.19 -9.47
CA LEU B 70 7.32 -13.58 -9.69
C LEU B 70 8.51 -14.49 -9.98
N ARG B 71 9.45 -14.00 -10.80
CA ARG B 71 10.65 -14.78 -11.09
C ARG B 71 11.44 -15.07 -9.83
N GLU B 72 11.67 -14.05 -9.00
CA GLU B 72 12.49 -14.24 -7.81
C GLU B 72 11.80 -15.13 -6.77
N LEU B 73 10.48 -14.98 -6.60
CA LEU B 73 9.76 -15.77 -5.60
C LEU B 73 9.66 -17.23 -5.99
N TYR B 74 9.50 -17.54 -7.27
CA TYR B 74 9.36 -18.93 -7.66
C TYR B 74 10.64 -19.70 -7.42
N ASP B 75 11.80 -19.05 -7.61
CA ASP B 75 13.08 -19.68 -7.32
C ASP B 75 13.18 -20.06 -5.85
N ARG B 76 12.96 -19.08 -4.96
CA ARG B 76 12.94 -19.34 -3.52
C ARG B 76 11.99 -20.48 -3.16
N GLY B 77 10.99 -20.74 -4.00
CA GLY B 77 10.05 -21.80 -3.78
C GLY B 77 9.19 -21.55 -2.55
N PRO B 78 8.37 -22.55 -2.19
CA PRO B 78 8.19 -23.83 -2.89
C PRO B 78 7.25 -23.70 -4.09
N PRO B 79 7.57 -24.39 -5.19
CA PRO B 79 6.76 -24.24 -6.42
C PRO B 79 5.32 -24.71 -6.27
N HIS B 80 5.07 -25.76 -5.45
CA HIS B 80 3.73 -26.29 -5.25
C HIS B 80 2.77 -25.32 -4.58
N ALA B 81 3.24 -24.15 -4.13
CA ALA B 81 2.40 -23.14 -3.51
C ALA B 81 2.00 -21.99 -4.45
N PHE B 82 2.34 -22.04 -5.74
CA PHE B 82 2.16 -20.90 -6.66
C PHE B 82 0.98 -21.11 -7.60
N PHE B 83 -0.02 -20.24 -7.53
CA PHE B 83 -1.23 -20.38 -8.33
C PHE B 83 -1.51 -19.14 -9.17
N LEU B 84 -2.18 -19.39 -10.30
CA LEU B 84 -2.70 -18.36 -11.18
C LEU B 84 -4.22 -18.41 -11.15
N VAL B 85 -4.86 -17.25 -10.95
CA VAL B 85 -6.31 -17.16 -11.03
C VAL B 85 -6.69 -16.19 -12.14
N LYS B 86 -7.52 -16.65 -13.06
CA LYS B 86 -8.10 -15.78 -14.08
C LYS B 86 -9.51 -15.43 -13.65
N PHE B 87 -9.80 -14.13 -13.54
CA PHE B 87 -11.15 -13.68 -13.26
C PHE B 87 -11.79 -13.07 -14.51
N TRP B 88 -13.07 -13.43 -14.72
CA TRP B 88 -13.99 -12.64 -15.53
C TRP B 88 -14.90 -11.91 -14.55
N ALA B 89 -14.70 -10.60 -14.42
CA ALA B 89 -15.34 -9.84 -13.36
C ALA B 89 -16.69 -9.32 -13.81
N ASP B 90 -17.55 -9.08 -12.82
CA ASP B 90 -18.86 -8.48 -13.02
C ASP B 90 -18.76 -6.99 -12.70
N LEU B 91 -18.82 -6.14 -13.74
CA LEU B 91 -18.68 -4.69 -13.56
C LEU B 91 -19.98 -3.94 -13.83
N ASN B 92 -21.13 -4.60 -13.72
CA ASN B 92 -22.41 -3.93 -13.92
C ASN B 92 -23.16 -3.88 -12.59
N TRP B 93 -23.26 -2.69 -12.01
CA TRP B 93 -24.07 -2.46 -10.82
C TRP B 93 -24.62 -1.03 -10.82
N SER B 107 -23.50 5.47 -10.44
CA SER B 107 -23.78 4.87 -9.15
C SER B 107 -22.66 5.14 -8.14
N SER B 108 -21.92 6.22 -8.41
CA SER B 108 -20.87 6.78 -7.56
C SER B 108 -21.16 6.66 -6.06
N GLY B 109 -20.13 6.38 -5.26
CA GLY B 109 -20.29 6.20 -3.83
C GLY B 109 -20.41 4.74 -3.46
N GLY B 110 -20.60 4.51 -2.16
CA GLY B 110 -20.70 3.17 -1.60
C GLY B 110 -19.43 2.74 -0.90
N PHE B 111 -19.50 1.57 -0.26
CA PHE B 111 -18.36 1.00 0.44
C PHE B 111 -17.77 -0.15 -0.37
N TYR B 112 -16.47 -0.07 -0.64
CA TYR B 112 -15.74 -1.02 -1.48
C TYR B 112 -14.80 -1.83 -0.60
N GLY B 113 -14.99 -3.14 -0.57
CA GLY B 113 -14.27 -3.98 0.37
C GLY B 113 -13.71 -5.22 -0.28
N VAL B 114 -12.74 -5.80 0.41
CA VAL B 114 -12.18 -7.10 0.05
C VAL B 114 -12.33 -8.01 1.26
N SER B 115 -12.72 -9.25 1.01
CA SER B 115 -12.88 -10.24 2.08
C SER B 115 -12.18 -11.52 1.68
N SER B 116 -11.30 -12.02 2.57
CA SER B 116 -10.57 -13.28 2.41
C SER B 116 -10.67 -14.12 3.68
N GLN B 117 -10.83 -15.43 3.50
CA GLN B 117 -10.84 -16.34 4.62
C GLN B 117 -9.99 -17.54 4.26
N TYR B 118 -9.02 -17.84 5.12
CA TYR B 118 -8.13 -18.98 4.94
C TYR B 118 -8.33 -19.97 6.07
N GLU B 119 -7.69 -21.12 5.93
CA GLU B 119 -7.83 -22.25 6.83
C GLU B 119 -6.51 -22.95 6.99
N SER B 120 -6.28 -23.51 8.19
CA SER B 120 -5.12 -24.34 8.47
C SER B 120 -5.38 -25.32 9.62
N LEU B 121 -4.65 -26.43 9.58
CA LEU B 121 -4.55 -27.32 10.73
C LEU B 121 -3.50 -26.86 11.73
N GLU B 122 -2.55 -26.00 11.35
CA GLU B 122 -1.53 -25.55 12.29
C GLU B 122 -1.77 -24.10 12.68
N HIS B 123 -1.34 -23.75 13.90
CA HIS B 123 -1.53 -22.41 14.44
C HIS B 123 -0.40 -21.50 13.97
N MET B 124 -0.77 -20.42 13.28
CA MET B 124 0.17 -19.54 12.61
C MET B 124 -0.34 -18.10 12.72
N THR B 125 0.56 -17.15 12.56
CA THR B 125 0.14 -15.81 12.20
C THR B 125 0.61 -15.51 10.77
N LEU B 126 -0.28 -14.98 9.95
CA LEU B 126 -0.02 -14.77 8.53
C LEU B 126 0.38 -13.33 8.25
N THR B 127 1.28 -13.14 7.29
CA THR B 127 1.43 -11.85 6.62
C THR B 127 0.99 -12.02 5.17
N CYS B 128 0.07 -11.16 4.74
CA CYS B 128 -0.50 -11.22 3.40
C CYS B 128 -0.06 -9.97 2.67
N SER B 129 0.77 -10.16 1.65
CA SER B 129 1.23 -9.07 0.80
C SER B 129 0.39 -9.08 -0.48
N SER B 130 -0.11 -7.90 -0.86
CA SER B 130 -0.90 -7.74 -2.07
C SER B 130 -0.30 -6.58 -2.86
N LYS B 131 0.17 -6.87 -4.07
CA LYS B 131 0.81 -5.90 -4.94
C LYS B 131 -0.07 -5.75 -6.18
N VAL B 132 -0.52 -4.53 -6.45
CA VAL B 132 -1.20 -4.22 -7.71
C VAL B 132 -0.17 -3.76 -8.72
N CYS B 133 -0.16 -4.39 -9.90
CA CYS B 133 0.78 -4.04 -10.95
C CYS B 133 0.05 -3.49 -12.17
N SER B 134 0.55 -2.38 -12.71
CA SER B 134 0.00 -1.78 -13.90
C SER B 134 1.13 -1.59 -14.89
N PHE B 135 1.03 -2.28 -16.03
CA PHE B 135 2.09 -2.31 -17.04
C PHE B 135 3.40 -2.83 -16.48
N GLY B 136 3.30 -3.86 -15.63
CA GLY B 136 4.46 -4.45 -15.00
C GLY B 136 5.01 -3.70 -13.81
N LYS B 137 4.68 -2.42 -13.66
CA LYS B 137 5.10 -1.63 -12.52
C LYS B 137 4.13 -1.81 -11.34
N GLN B 138 4.71 -1.98 -10.16
CA GLN B 138 3.96 -1.97 -8.91
C GLN B 138 3.39 -0.57 -8.68
N VAL B 139 2.07 -0.46 -8.54
CA VAL B 139 1.43 0.80 -8.19
C VAL B 139 0.85 0.79 -6.77
N VAL B 140 0.59 -0.38 -6.18
CA VAL B 140 0.12 -0.48 -4.81
C VAL B 140 0.80 -1.67 -4.13
N GLU B 141 1.21 -1.49 -2.88
CA GLU B 141 1.50 -2.65 -2.04
C GLU B 141 0.72 -2.51 -0.75
N LYS B 142 0.02 -3.57 -0.38
CA LYS B 142 -0.75 -3.57 0.86
C LYS B 142 -0.35 -4.78 1.68
N VAL B 143 0.03 -4.56 2.93
CA VAL B 143 0.56 -5.60 3.80
C VAL B 143 -0.30 -5.67 5.06
N GLU B 144 -0.86 -6.86 5.32
CA GLU B 144 -1.63 -7.12 6.53
C GLU B 144 -1.14 -8.38 7.21
N THR B 145 -1.41 -8.45 8.52
CA THR B 145 -1.15 -9.63 9.30
C THR B 145 -2.45 -10.10 9.96
N GLU B 146 -2.64 -11.42 10.01
CA GLU B 146 -3.83 -12.01 10.62
C GLU B 146 -3.43 -13.20 11.48
N ARG B 147 -3.88 -13.19 12.74
CA ARG B 147 -3.60 -14.26 13.68
C ARG B 147 -4.67 -15.35 13.57
N ALA B 148 -4.25 -16.59 13.84
CA ALA B 148 -5.15 -17.73 13.77
C ALA B 148 -6.25 -17.64 14.82
N GLN B 149 -7.46 -18.03 14.43
CA GLN B 149 -8.60 -18.14 15.34
C GLN B 149 -9.10 -19.58 15.32
N LEU B 150 -9.24 -20.18 16.49
CA LEU B 150 -9.67 -21.57 16.58
C LEU B 150 -11.18 -21.67 16.42
N GLU B 151 -11.61 -22.53 15.48
CA GLU B 151 -13.02 -22.70 15.17
C GLU B 151 -13.23 -24.07 14.55
N ASP B 152 -14.13 -24.85 15.14
CA ASP B 152 -14.55 -26.14 14.58
C ASP B 152 -13.34 -27.08 14.39
N GLY B 153 -12.46 -27.12 15.38
CA GLY B 153 -11.30 -28.00 15.30
C GLY B 153 -10.23 -27.63 14.29
N ARG B 154 -10.19 -26.39 13.84
CA ARG B 154 -9.19 -25.95 12.87
C ARG B 154 -8.98 -24.45 13.03
N PHE B 155 -7.89 -23.96 12.45
CA PHE B 155 -7.54 -22.55 12.57
C PHE B 155 -7.99 -21.82 11.31
N VAL B 156 -8.78 -20.77 11.49
CA VAL B 156 -9.26 -19.92 10.39
C VAL B 156 -8.61 -18.55 10.48
N TYR B 157 -8.43 -17.93 9.31
CA TYR B 157 -7.79 -16.62 9.21
C TYR B 157 -8.74 -15.71 8.44
N ARG B 158 -9.42 -14.81 9.16
CA ARG B 158 -10.47 -13.98 8.59
C ARG B 158 -9.95 -12.58 8.31
N LEU B 159 -9.85 -12.21 7.04
CA LEU B 159 -9.58 -10.83 6.65
C LEU B 159 -10.86 -10.30 5.97
N LEU B 160 -11.84 -9.95 6.81
CA LEU B 160 -13.16 -9.58 6.33
C LEU B 160 -13.29 -8.07 6.20
N ARG B 161 -13.97 -7.65 5.14
CA ARG B 161 -14.30 -6.25 4.87
C ARG B 161 -13.17 -5.26 4.92
N SER B 162 -12.02 -5.64 4.38
CA SER B 162 -10.91 -4.71 4.27
C SER B 162 -11.23 -3.64 3.23
N PRO B 163 -11.13 -2.35 3.58
CA PRO B 163 -11.47 -1.30 2.59
C PRO B 163 -10.54 -1.37 1.39
N MET B 164 -11.15 -1.53 0.21
CA MET B 164 -10.37 -1.57 -1.01
C MET B 164 -9.62 -0.26 -1.18
N CYS B 165 -8.38 -0.34 -1.63
CA CYS B 165 -7.56 0.87 -1.62
C CYS B 165 -8.07 1.88 -2.65
N GLU B 166 -7.75 3.15 -2.40
CA GLU B 166 -8.31 4.23 -3.21
C GLU B 166 -7.93 4.11 -4.69
N TYR B 167 -6.71 3.67 -4.97
CA TYR B 167 -6.32 3.52 -6.38
C TYR B 167 -7.29 2.60 -7.10
N LEU B 168 -7.62 1.46 -6.47
CA LEU B 168 -8.49 0.47 -7.10
C LEU B 168 -9.91 0.98 -7.24
N VAL B 169 -10.40 1.71 -6.24
CA VAL B 169 -11.76 2.25 -6.31
C VAL B 169 -11.86 3.22 -7.49
N ASN B 170 -10.92 4.18 -7.58
CA ASN B 170 -10.91 5.11 -8.70
C ASN B 170 -10.78 4.38 -10.03
N PHE B 171 -9.94 3.35 -10.08
CA PHE B 171 -9.80 2.57 -11.31
C PHE B 171 -11.13 1.91 -11.69
N LEU B 172 -11.80 1.28 -10.73
CA LEU B 172 -13.10 0.66 -11.01
C LEU B 172 -14.11 1.70 -11.53
N HIS B 173 -14.11 2.91 -10.96
CA HIS B 173 -15.10 3.89 -11.38
C HIS B 173 -14.90 4.31 -12.84
N LYS B 174 -13.65 4.37 -13.29
CA LYS B 174 -13.40 4.66 -14.70
C LYS B 174 -13.75 3.46 -15.55
N LEU B 175 -13.27 2.27 -15.17
CA LEU B 175 -13.46 1.07 -15.97
C LEU B 175 -14.93 0.86 -16.33
N ARG B 176 -15.83 1.15 -15.39
CA ARG B 176 -17.25 0.94 -15.60
C ARG B 176 -17.81 1.87 -16.67
N GLN B 177 -17.14 2.99 -16.92
CA GLN B 177 -17.64 3.97 -17.88
C GLN B 177 -17.45 3.50 -19.32
N LEU B 178 -16.45 2.66 -19.57
CA LEU B 178 -16.10 2.31 -20.94
C LEU B 178 -17.32 1.74 -21.69
N PRO B 179 -17.48 2.09 -22.96
CA PRO B 179 -18.71 1.69 -23.67
C PRO B 179 -18.78 0.22 -24.01
N GLU B 180 -17.65 -0.46 -24.20
CA GLU B 180 -17.64 -1.83 -24.70
C GLU B 180 -16.78 -2.74 -23.83
N ARG B 181 -17.30 -3.94 -23.58
CA ARG B 181 -16.57 -4.94 -22.81
CA ARG B 181 -16.57 -4.96 -22.84
C ARG B 181 -15.17 -5.16 -23.38
N TYR B 182 -15.03 -5.23 -24.71
CA TYR B 182 -13.72 -5.43 -25.31
C TYR B 182 -12.76 -4.29 -25.00
N MET B 183 -13.28 -3.09 -24.74
CA MET B 183 -12.40 -2.00 -24.32
C MET B 183 -11.94 -2.20 -22.86
N MET B 184 -12.89 -2.54 -21.98
CA MET B 184 -12.58 -3.02 -20.64
C MET B 184 -11.49 -4.09 -20.64
N ASN B 185 -11.59 -5.08 -21.54
CA ASN B 185 -10.54 -6.10 -21.62
C ASN B 185 -9.22 -5.56 -22.16
N SER B 186 -9.23 -4.59 -23.08
CA SER B 186 -7.98 -3.96 -23.48
C SER B 186 -7.30 -3.28 -22.29
N VAL B 187 -8.05 -2.53 -21.50
CA VAL B 187 -7.46 -1.87 -20.35
C VAL B 187 -6.99 -2.90 -19.33
N LEU B 188 -7.79 -3.95 -19.09
CA LEU B 188 -7.45 -4.94 -18.07
C LEU B 188 -6.23 -5.77 -18.45
N GLU B 189 -5.99 -5.95 -19.74
CA GLU B 189 -4.85 -6.69 -20.27
C GLU B 189 -3.55 -6.35 -19.53
N ASN B 190 -3.39 -5.09 -19.12
CA ASN B 190 -2.16 -4.58 -18.52
C ASN B 190 -2.21 -4.51 -17.00
N PHE B 191 -3.19 -5.13 -16.37
CA PHE B 191 -3.44 -4.94 -14.95
C PHE B 191 -3.40 -6.31 -14.27
N THR B 192 -2.60 -6.43 -13.20
CA THR B 192 -2.46 -7.72 -12.52
C THR B 192 -2.28 -7.49 -11.03
N ILE B 193 -2.56 -8.53 -10.25
CA ILE B 193 -2.41 -8.50 -8.81
C ILE B 193 -1.62 -9.73 -8.36
N LEU B 194 -0.73 -9.53 -7.40
CA LEU B 194 0.08 -10.62 -6.85
C LEU B 194 -0.07 -10.62 -5.35
N GLN B 195 -0.57 -11.73 -4.80
CA GLN B 195 -0.60 -11.92 -3.35
C GLN B 195 0.39 -12.99 -2.94
N VAL B 196 1.20 -12.66 -1.93
CA VAL B 196 2.13 -13.57 -1.29
C VAL B 196 1.69 -13.68 0.16
N VAL B 197 1.28 -14.88 0.58
CA VAL B 197 0.93 -15.16 1.97
C VAL B 197 2.08 -15.92 2.60
N THR B 198 2.62 -15.40 3.71
CA THR B 198 3.72 -16.06 4.40
C THR B 198 3.41 -16.26 5.88
N ASN B 199 4.04 -17.27 6.45
CA ASN B 199 4.11 -17.45 7.90
C ASN B 199 4.92 -16.30 8.50
N ARG B 200 4.27 -15.43 9.28
CA ARG B 200 4.99 -14.32 9.91
C ARG B 200 6.17 -14.81 10.75
N ASP B 201 5.94 -15.83 11.60
CA ASP B 201 6.93 -16.20 12.61
C ASP B 201 8.18 -16.81 12.00
N THR B 202 8.06 -17.38 10.82
CA THR B 202 9.16 -18.13 10.21
C THR B 202 9.56 -17.58 8.85
N GLN B 203 8.71 -16.78 8.22
CA GLN B 203 8.92 -16.10 6.94
C GLN B 203 8.83 -17.05 5.74
N GLU B 204 8.53 -18.35 5.95
CA GLU B 204 8.34 -19.19 4.80
C GLU B 204 7.07 -18.80 4.05
N LEU B 205 7.06 -19.07 2.75
CA LEU B 205 5.95 -18.68 1.91
C LEU B 205 4.92 -19.80 1.96
N LEU B 206 3.69 -19.44 2.29
CA LEU B 206 2.61 -20.42 2.31
C LEU B 206 1.86 -20.47 0.99
N LEU B 207 1.73 -19.34 0.31
CA LEU B 207 0.83 -19.23 -0.82
C LEU B 207 1.19 -18.00 -1.63
N CYS B 208 1.31 -18.18 -2.94
CA CYS B 208 1.54 -17.06 -3.85
C CYS B 208 0.54 -17.18 -4.99
N THR B 209 -0.33 -16.18 -5.13
CA THR B 209 -1.36 -16.19 -6.15
C THR B 209 -1.20 -15.00 -7.08
N ALA B 210 -1.13 -15.28 -8.36
CA ALA B 210 -1.19 -14.25 -9.39
C ALA B 210 -2.62 -14.19 -9.91
N TYR B 211 -3.16 -12.98 -10.02
CA TYR B 211 -4.49 -12.75 -10.57
C TYR B 211 -4.41 -11.99 -11.90
N VAL B 212 -5.10 -12.49 -12.92
CA VAL B 212 -5.31 -11.71 -14.14
C VAL B 212 -6.81 -11.58 -14.37
N PHE B 213 -7.18 -10.58 -15.15
CA PHE B 213 -8.56 -10.11 -15.19
C PHE B 213 -9.05 -9.85 -16.60
N GLU B 214 -10.30 -10.24 -16.83
CA GLU B 214 -11.13 -9.89 -17.97
C GLU B 214 -12.48 -9.47 -17.42
N VAL B 215 -13.39 -9.11 -18.28
CA VAL B 215 -14.71 -8.69 -17.87
C VAL B 215 -15.71 -9.68 -18.45
N SER B 216 -16.74 -9.99 -17.66
CA SER B 216 -17.74 -10.95 -18.08
C SER B 216 -18.94 -10.23 -18.71
N THR B 217 -19.64 -10.97 -19.56
CA THR B 217 -20.85 -10.46 -20.18
C THR B 217 -21.88 -10.16 -19.10
N SER B 218 -22.67 -9.11 -19.33
CA SER B 218 -23.69 -8.71 -18.38
C SER B 218 -24.65 -9.85 -18.02
N GLU B 219 -24.70 -10.91 -18.85
CA GLU B 219 -25.55 -12.06 -18.58
C GLU B 219 -24.89 -13.03 -17.59
N ARG B 220 -23.84 -13.72 -18.03
CA ARG B 220 -23.05 -14.59 -17.16
C ARG B 220 -22.40 -13.77 -16.06
N GLY B 221 -22.58 -14.20 -14.81
CA GLY B 221 -21.96 -13.49 -13.72
C GLY B 221 -20.45 -13.66 -13.73
N ALA B 222 -19.86 -13.28 -12.59
CA ALA B 222 -18.43 -13.52 -12.39
C ALA B 222 -18.13 -15.01 -12.51
N GLN B 223 -16.96 -15.31 -13.08
CA GLN B 223 -16.41 -16.66 -13.16
C GLN B 223 -14.92 -16.56 -12.86
N HIS B 224 -14.30 -17.70 -12.63
CA HIS B 224 -12.87 -17.73 -12.32
C HIS B 224 -12.37 -19.11 -12.68
N HIS B 225 -11.06 -19.24 -12.80
CA HIS B 225 -10.56 -20.57 -13.11
C HIS B 225 -9.11 -20.59 -12.63
N ILE B 226 -8.83 -21.51 -11.72
CA ILE B 226 -7.58 -21.53 -10.95
C ILE B 226 -6.59 -22.47 -11.64
N TYR B 227 -5.35 -22.02 -11.81
CA TYR B 227 -4.29 -22.88 -12.32
C TYR B 227 -3.18 -23.08 -11.29
N ARG B 228 -2.41 -24.14 -11.49
CA ARG B 228 -1.10 -24.28 -10.89
C ARG B 228 -0.05 -23.62 -11.77
N LEU B 229 0.97 -23.04 -11.15
CA LEU B 229 2.06 -22.40 -11.88
C LEU B 229 3.26 -23.36 -11.86
N VAL B 230 3.74 -23.76 -13.05
CA VAL B 230 4.81 -24.74 -13.12
C VAL B 230 5.95 -24.20 -13.99
N ARG B 231 7.00 -25.00 -14.11
CA ARG B 231 8.14 -24.70 -14.98
C ARG B 231 8.51 -25.90 -15.84
C1 MYR C . 7.69 3.47 -1.74
O1 MYR C . 8.28 3.02 -0.72
C2 MYR C . 6.27 4.04 -1.58
C3 MYR C . 6.05 5.11 -0.48
C4 MYR C . 7.24 5.41 0.42
C5 MYR C . 6.91 6.53 1.41
C6 MYR C . 8.15 7.04 2.13
C7 MYR C . 8.52 8.45 1.73
C8 MYR C . 9.57 9.05 2.65
C9 MYR C . 10.33 10.22 2.04
C10 MYR C . 11.36 9.71 1.04
C11 MYR C . 12.48 10.74 0.81
C12 MYR C . 12.11 11.79 -0.24
C13 MYR C . 13.25 12.77 -0.45
C14 MYR C . 12.94 13.68 -1.67
C10 ZUT D . -7.38 -8.16 -4.34
C13 ZUT D . -9.43 -7.43 -6.18
C17 ZUT D . -10.83 -5.80 -9.22
C20 ZUT D . -11.73 -5.90 -11.95
C21 ZUT D . -10.51 -5.25 -11.62
C22 ZUT D . -10.08 -5.19 -10.26
C02 ZUT D . -3.70 -5.31 -3.83
C03 ZUT D . -3.41 -4.15 -3.11
C04 ZUT D . -4.50 -3.56 -2.42
C05 ZUT D . -5.81 -4.12 -2.47
C06 ZUT D . -6.06 -5.31 -3.20
C07 ZUT D . -4.98 -5.93 -3.92
C09 ZUT D . -7.92 -6.84 -4.25
C11 ZUT D . -7.83 -9.07 -5.33
C12 ZUT D . -8.87 -8.73 -6.25
C14 ZUT D . -8.95 -6.49 -5.21
C16 ZUT D . -10.35 -5.75 -7.72
C18 ZUT D . -12.04 -6.46 -9.56
C19 ZUT D . -12.49 -6.52 -10.91
C23 ZUT D . -6.98 -3.44 -1.70
F01 ZUT D . -2.63 -5.92 -4.53
N08 ZUT D . -7.44 -5.92 -3.25
O15 ZUT D . -10.45 -7.02 -7.09
O24 ZUT D . -8.11 -3.96 -1.84
O25 ZUT D . -6.72 -2.42 -1.01
#